data_9CZW
#
_entry.id   9CZW
#
_cell.length_a   51.940
_cell.length_b   57.970
_cell.length_c   62.130
_cell.angle_alpha   87.22
_cell.angle_beta   86.09
_cell.angle_gamma   66.51
#
_symmetry.space_group_name_H-M   'P 1'
#
loop_
_entity.id
_entity.type
_entity.pdbx_description
1 polymer 'Mitogen-activated protein kinase kinase kinase kinase 1'
2 non-polymer 6-(dimethylamino)-4-[(methylamino)methyl]-2-[6-(4-propyl-4H-1,2,4-triazol-3-yl)pyridin-2-yl]-2,3-dihydro-1H-pyrrolo[3,4-c]pyridin-1-one
3 water water
#
_entity_poly.entity_id   1
_entity_poly.type   'polypeptide(L)'
_entity_poly.pdbx_seq_one_letter_code
;GSMDVVDPDIFNRDPRDHYDLLQRLGGGTYGEVFKARDKVSGDLVALKMVKMEPDDDVSTLQKEILILKTCRHANIVAYH
GSYLWLQKLWICMEFCGAGSLQDIYQVTGSLSELQISYVCREVLQGLAYLHSQKKIHRDIKGANILINDAGEVRLADFGI
SAQIGAELARRLEFIGTPYWMAPEVAAVALKGGYNELCDIWSLGITAIELAELQPPLFDVHPLRVLFLMTKSGYQPPRLK
EKGKWSAAFHNFIKVTLTKSPKKRPSATKMLSHQLVSQPGLNRGLILDLLDKLKNPGKGPSIGDIEDEE
;
_entity_poly.pdbx_strand_id   A,B
#
loop_
_chem_comp.id
_chem_comp.type
_chem_comp.name
_chem_comp.formula
A1A1C non-polymer 6-(dimethylamino)-4-[(methylamino)methyl]-2-[6-(4-propyl-4H-1,2,4-triazol-3-yl)pyridin-2-yl]-2,3-dihydro-1H-pyrrolo[3,4-c]pyridin-1-one 'C21 H26 N8 O'
#
# COMPACT_ATOMS: atom_id res chain seq x y z
N ASP A 7 16.00 -36.83 -14.20
CA ASP A 7 14.59 -37.19 -14.10
C ASP A 7 14.34 -38.58 -14.70
N PRO A 8 13.75 -39.51 -13.92
CA PRO A 8 13.51 -40.88 -14.44
C PRO A 8 12.56 -40.98 -15.64
N ASP A 9 11.69 -39.98 -15.82
CA ASP A 9 10.67 -39.95 -16.88
C ASP A 9 11.04 -39.09 -18.10
N ILE A 10 12.30 -38.64 -18.17
CA ILE A 10 12.78 -37.79 -19.26
C ILE A 10 12.60 -38.43 -20.66
N PHE A 11 12.15 -37.61 -21.60
CA PHE A 11 12.00 -38.04 -22.99
C PHE A 11 13.36 -37.81 -23.67
N ASN A 12 14.04 -38.90 -24.10
CA ASN A 12 15.35 -38.78 -24.72
C ASN A 12 15.18 -38.54 -26.21
N ARG A 13 14.60 -37.37 -26.54
CA ARG A 13 14.31 -36.95 -27.90
C ARG A 13 14.15 -35.44 -27.96
N ASP A 14 14.30 -34.84 -29.17
CA ASP A 14 14.19 -33.39 -29.35
C ASP A 14 12.71 -33.01 -29.47
N PRO A 15 12.19 -32.10 -28.60
CA PRO A 15 10.76 -31.73 -28.70
C PRO A 15 10.42 -31.05 -30.02
N ARG A 16 11.44 -30.52 -30.73
CA ARG A 16 11.23 -29.85 -32.03
C ARG A 16 10.80 -30.85 -33.12
N ASP A 17 10.95 -32.18 -32.85
CA ASP A 17 10.45 -33.24 -33.76
C ASP A 17 8.91 -33.29 -33.62
N HIS A 18 8.37 -32.88 -32.45
CA HIS A 18 6.95 -32.94 -32.11
C HIS A 18 6.26 -31.56 -31.97
N TYR A 19 7.05 -30.46 -31.92
CA TYR A 19 6.50 -29.10 -31.74
C TYR A 19 7.16 -28.08 -32.63
N ASP A 20 6.37 -27.07 -33.04
CA ASP A 20 6.85 -25.91 -33.78
C ASP A 20 6.98 -24.79 -32.73
N LEU A 21 8.16 -24.16 -32.62
CA LEU A 21 8.34 -23.02 -31.71
C LEU A 21 7.71 -21.79 -32.39
N LEU A 22 6.66 -21.21 -31.77
CA LEU A 22 5.93 -20.08 -32.36
C LEU A 22 6.49 -18.71 -32.01
N GLN A 23 6.77 -18.48 -30.71
CA GLN A 23 7.28 -17.19 -30.23
C GLN A 23 7.97 -17.32 -28.89
N ARG A 24 8.85 -16.36 -28.61
CA ARG A 24 9.57 -16.26 -27.34
C ARG A 24 8.60 -15.67 -26.30
N LEU A 25 8.61 -16.27 -25.11
CA LEU A 25 7.75 -15.83 -24.01
C LEU A 25 8.60 -15.31 -22.86
N GLY A 26 9.82 -14.87 -23.16
CA GLY A 26 10.72 -14.32 -22.17
C GLY A 26 11.56 -15.35 -21.44
N GLY A 27 12.08 -14.92 -20.30
CA GLY A 27 12.95 -15.74 -19.49
C GLY A 27 12.29 -16.22 -18.23
N GLY A 28 12.88 -15.82 -17.12
CA GLY A 28 12.49 -16.21 -15.76
C GLY A 28 13.77 -16.35 -14.96
N THR A 29 13.72 -17.09 -13.85
CA THR A 29 14.89 -17.28 -12.97
C THR A 29 16.08 -17.77 -13.80
N TYR A 30 15.83 -18.74 -14.67
CA TYR A 30 16.80 -19.27 -15.63
C TYR A 30 16.07 -19.84 -16.84
N GLY A 31 16.81 -20.09 -17.94
CA GLY A 31 16.22 -20.64 -19.15
C GLY A 31 15.37 -19.66 -19.95
N GLU A 32 14.96 -20.10 -21.14
CA GLU A 32 14.13 -19.33 -22.05
C GLU A 32 12.84 -20.08 -22.26
N VAL A 33 11.74 -19.35 -22.23
CA VAL A 33 10.43 -19.96 -22.41
C VAL A 33 9.89 -19.66 -23.82
N PHE A 34 9.40 -20.70 -24.49
CA PHE A 34 8.82 -20.54 -25.83
C PHE A 34 7.37 -21.02 -25.89
N LYS A 35 6.53 -20.38 -26.73
CA LYS A 35 5.17 -20.84 -26.99
C LYS A 35 5.38 -21.89 -28.10
N ALA A 36 4.80 -23.07 -27.94
CA ALA A 36 4.97 -24.16 -28.91
C ALA A 36 3.68 -24.83 -29.29
N ARG A 37 3.56 -25.19 -30.58
CA ARG A 37 2.36 -25.84 -31.09
C ARG A 37 2.71 -27.26 -31.55
N ASP A 38 1.94 -28.23 -31.07
CA ASP A 38 2.10 -29.64 -31.41
C ASP A 38 1.91 -29.75 -32.92
N LYS A 39 2.89 -30.37 -33.61
CA LYS A 39 2.89 -30.52 -35.07
C LYS A 39 1.64 -31.21 -35.64
N VAL A 40 1.05 -32.17 -34.88
CA VAL A 40 -0.12 -32.94 -35.32
C VAL A 40 -1.39 -32.53 -34.57
N SER A 41 -1.39 -32.57 -33.22
CA SER A 41 -2.54 -32.23 -32.38
C SER A 41 -2.96 -30.76 -32.46
N GLY A 42 -1.98 -29.86 -32.59
CA GLY A 42 -2.23 -28.42 -32.63
C GLY A 42 -2.30 -27.79 -31.26
N ASP A 43 -2.21 -28.63 -30.19
CA ASP A 43 -2.22 -28.19 -28.78
C ASP A 43 -1.05 -27.26 -28.51
N LEU A 44 -1.29 -26.25 -27.67
CA LEU A 44 -0.26 -25.29 -27.31
C LEU A 44 0.34 -25.62 -25.95
N VAL A 45 1.65 -25.42 -25.83
CA VAL A 45 2.39 -25.68 -24.59
C VAL A 45 3.43 -24.58 -24.40
N ALA A 46 4.00 -24.51 -23.19
CA ALA A 46 5.11 -23.63 -22.93
C ALA A 46 6.33 -24.54 -22.77
N LEU A 47 7.39 -24.30 -23.53
CA LEU A 47 8.63 -25.07 -23.39
C LEU A 47 9.72 -24.19 -22.82
N LYS A 48 10.23 -24.58 -21.64
CA LYS A 48 11.29 -23.86 -20.97
C LYS A 48 12.58 -24.61 -21.24
N MET A 49 13.46 -24.02 -22.06
CA MET A 49 14.73 -24.60 -22.46
C MET A 49 15.87 -24.08 -21.58
N VAL A 50 16.69 -25.01 -21.09
CA VAL A 50 17.85 -24.75 -20.25
C VAL A 50 19.04 -25.52 -20.84
N LYS A 51 20.18 -24.84 -20.93
CA LYS A 51 21.42 -25.42 -21.44
C LYS A 51 21.95 -26.39 -20.40
N MET A 52 22.23 -27.61 -20.84
CA MET A 52 22.81 -28.65 -19.99
C MET A 52 24.22 -28.94 -20.50
N GLU A 53 25.00 -29.72 -19.75
CA GLU A 53 26.38 -30.10 -20.07
C GLU A 53 26.71 -31.34 -19.24
N PRO A 54 27.59 -32.26 -19.73
CA PRO A 54 27.96 -33.42 -18.89
C PRO A 54 28.72 -33.00 -17.63
N ASP A 55 29.40 -31.84 -17.68
CA ASP A 55 30.16 -31.25 -16.59
C ASP A 55 29.27 -30.41 -15.64
N ASP A 56 28.01 -30.16 -16.03
CA ASP A 56 27.08 -29.36 -15.21
C ASP A 56 26.27 -30.17 -14.22
N ASP A 57 26.09 -29.61 -13.01
CA ASP A 57 25.34 -30.17 -11.89
C ASP A 57 23.85 -30.14 -12.25
N VAL A 58 23.22 -31.32 -12.25
CA VAL A 58 21.82 -31.51 -12.63
C VAL A 58 20.82 -31.26 -11.46
N SER A 59 21.33 -31.09 -10.21
CA SER A 59 20.54 -30.93 -8.99
C SER A 59 19.38 -29.91 -9.07
N THR A 60 19.65 -28.70 -9.56
CA THR A 60 18.60 -27.65 -9.64
C THR A 60 17.46 -28.07 -10.58
N LEU A 61 17.80 -28.50 -11.82
CA LEU A 61 16.77 -28.93 -12.77
C LEU A 61 16.00 -30.16 -12.26
N GLN A 62 16.73 -31.12 -11.61
CA GLN A 62 16.16 -32.33 -11.02
C GLN A 62 15.11 -31.91 -9.98
N LYS A 63 15.46 -30.96 -9.07
CA LYS A 63 14.50 -30.46 -8.07
C LYS A 63 13.32 -29.74 -8.68
N GLU A 64 13.56 -28.93 -9.73
CA GLU A 64 12.46 -28.19 -10.38
C GLU A 64 11.45 -29.16 -11.01
N ILE A 65 11.94 -30.17 -11.73
CA ILE A 65 11.08 -31.20 -12.33
C ILE A 65 10.33 -31.97 -11.24
N LEU A 66 11.01 -32.29 -10.12
CA LEU A 66 10.36 -33.04 -9.04
C LEU A 66 9.18 -32.24 -8.45
N ILE A 67 9.41 -30.93 -8.21
CA ILE A 67 8.35 -30.06 -7.70
C ILE A 67 7.15 -30.06 -8.65
N LEU A 68 7.39 -29.74 -9.95
CA LEU A 68 6.34 -29.66 -10.95
C LEU A 68 5.59 -30.96 -11.14
N LYS A 69 6.33 -32.08 -11.21
CA LYS A 69 5.72 -33.40 -11.42
C LYS A 69 4.87 -33.87 -10.23
N THR A 70 5.20 -33.45 -8.99
CA THR A 70 4.46 -33.93 -7.82
C THR A 70 3.35 -32.98 -7.40
N CYS A 71 3.15 -31.90 -8.16
CA CYS A 71 2.06 -30.95 -7.94
C CYS A 71 0.90 -31.34 -8.81
N ARG A 72 -0.25 -31.55 -8.20
CA ARG A 72 -1.47 -31.84 -8.93
C ARG A 72 -2.51 -30.94 -8.29
N HIS A 73 -2.49 -29.65 -8.69
CA HIS A 73 -3.44 -28.69 -8.13
C HIS A 73 -3.80 -27.64 -9.18
N ALA A 74 -5.07 -27.28 -9.22
CA ALA A 74 -5.59 -26.31 -10.21
C ALA A 74 -4.89 -24.93 -10.19
N ASN A 75 -4.19 -24.57 -9.10
CA ASN A 75 -3.54 -23.25 -9.00
C ASN A 75 -2.04 -23.29 -9.16
N ILE A 76 -1.52 -24.41 -9.69
CA ILE A 76 -0.09 -24.63 -10.01
C ILE A 76 -0.02 -25.01 -11.47
N VAL A 77 0.83 -24.32 -12.26
CA VAL A 77 0.95 -24.61 -13.71
C VAL A 77 1.07 -26.09 -13.93
N ALA A 78 0.37 -26.61 -14.94
CA ALA A 78 0.41 -28.05 -15.20
C ALA A 78 1.75 -28.47 -15.79
N TYR A 79 2.16 -29.69 -15.49
CA TYR A 79 3.41 -30.23 -15.99
C TYR A 79 3.10 -31.36 -16.99
N HIS A 80 3.78 -31.35 -18.15
CA HIS A 80 3.55 -32.35 -19.22
C HIS A 80 4.73 -33.31 -19.47
N GLY A 81 5.89 -33.01 -18.94
CA GLY A 81 7.08 -33.85 -19.15
C GLY A 81 8.30 -33.03 -19.50
N SER A 82 9.47 -33.69 -19.58
CA SER A 82 10.71 -32.98 -19.94
C SER A 82 11.46 -33.77 -20.97
N TYR A 83 12.16 -33.08 -21.86
CA TYR A 83 12.96 -33.64 -22.94
C TYR A 83 14.42 -33.37 -22.71
N LEU A 84 15.29 -34.29 -23.15
CA LEU A 84 16.72 -34.07 -23.09
C LEU A 84 17.30 -34.53 -24.41
N TRP A 85 17.91 -33.59 -25.14
CA TRP A 85 18.53 -33.91 -26.43
C TRP A 85 19.58 -32.86 -26.77
N LEU A 86 20.77 -33.32 -27.15
CA LEU A 86 21.93 -32.51 -27.55
C LEU A 86 22.23 -31.36 -26.59
N GLN A 87 22.48 -31.71 -25.32
CA GLN A 87 22.84 -30.82 -24.21
C GLN A 87 21.82 -29.71 -23.94
N LYS A 88 20.54 -29.92 -24.33
CA LYS A 88 19.43 -28.99 -24.06
C LYS A 88 18.34 -29.73 -23.28
N LEU A 89 17.87 -29.14 -22.17
CA LEU A 89 16.77 -29.71 -21.40
C LEU A 89 15.57 -28.82 -21.66
N TRP A 90 14.39 -29.43 -21.89
CA TRP A 90 13.16 -28.71 -22.19
C TRP A 90 12.06 -29.14 -21.26
N ILE A 91 11.60 -28.24 -20.40
CA ILE A 91 10.53 -28.53 -19.47
C ILE A 91 9.23 -28.13 -20.12
N CYS A 92 8.34 -29.10 -20.27
CA CYS A 92 7.06 -28.88 -20.94
C CYS A 92 5.96 -28.62 -19.96
N MET A 93 5.36 -27.43 -20.08
CA MET A 93 4.31 -27.03 -19.17
C MET A 93 3.12 -26.43 -19.88
N GLU A 94 2.09 -26.15 -19.11
CA GLU A 94 0.88 -25.53 -19.60
C GLU A 94 1.15 -24.13 -20.17
N PHE A 95 0.59 -23.84 -21.38
CA PHE A 95 0.68 -22.51 -21.97
C PHE A 95 -0.43 -21.66 -21.36
N CYS A 96 -0.10 -20.46 -20.88
CA CYS A 96 -1.08 -19.60 -20.23
C CYS A 96 -1.27 -18.35 -21.10
N GLY A 97 -2.33 -18.41 -21.92
CA GLY A 97 -2.65 -17.43 -22.96
C GLY A 97 -2.61 -15.95 -22.61
N ALA A 98 -2.89 -15.58 -21.34
CA ALA A 98 -2.89 -14.15 -20.94
C ALA A 98 -1.56 -13.66 -20.33
N GLY A 99 -0.62 -14.58 -20.19
CA GLY A 99 0.68 -14.27 -19.66
C GLY A 99 0.59 -14.09 -18.16
N SER A 100 1.49 -13.30 -17.59
CA SER A 100 1.52 -13.07 -16.15
C SER A 100 0.67 -11.89 -15.77
N LEU A 101 0.35 -11.75 -14.49
CA LEU A 101 -0.37 -10.58 -14.08
C LEU A 101 0.40 -9.30 -14.38
N GLN A 102 1.74 -9.37 -14.38
CA GLN A 102 2.58 -8.21 -14.73
C GLN A 102 2.37 -7.88 -16.21
N ASP A 103 2.37 -8.90 -17.08
CA ASP A 103 2.13 -8.64 -18.51
C ASP A 103 0.79 -7.95 -18.69
N ILE A 104 -0.21 -8.35 -17.89
CA ILE A 104 -1.55 -7.79 -17.93
C ILE A 104 -1.63 -6.36 -17.40
N TYR A 105 -1.19 -6.10 -16.17
CA TYR A 105 -1.39 -4.77 -15.61
C TYR A 105 -0.57 -3.70 -16.34
N GLN A 106 0.49 -4.13 -17.07
CA GLN A 106 1.30 -3.17 -17.83
C GLN A 106 0.46 -2.61 -18.99
N VAL A 107 -0.62 -3.34 -19.37
CA VAL A 107 -1.56 -2.96 -20.41
C VAL A 107 -2.84 -2.34 -19.82
N THR A 108 -3.48 -3.02 -18.85
CA THR A 108 -4.77 -2.60 -18.30
C THR A 108 -4.70 -1.52 -17.19
N GLY A 109 -3.54 -1.40 -16.54
CA GLY A 109 -3.45 -0.53 -15.37
C GLY A 109 -3.76 -1.38 -14.14
N SER A 110 -3.92 -0.73 -12.98
CA SER A 110 -4.18 -1.38 -11.70
C SER A 110 -5.43 -2.22 -11.71
N LEU A 111 -5.39 -3.34 -10.95
CA LEU A 111 -6.55 -4.22 -10.81
C LEU A 111 -7.52 -3.65 -9.82
N SER A 112 -8.78 -4.04 -9.94
CA SER A 112 -9.77 -3.58 -8.98
C SER A 112 -9.56 -4.39 -7.71
N GLU A 113 -10.13 -3.91 -6.60
CA GLU A 113 -10.08 -4.64 -5.33
C GLU A 113 -10.66 -6.07 -5.49
N LEU A 114 -11.81 -6.24 -6.15
CA LEU A 114 -12.37 -7.60 -6.35
C LEU A 114 -11.45 -8.49 -7.15
N GLN A 115 -10.83 -7.94 -8.22
CA GLN A 115 -9.91 -8.76 -9.01
C GLN A 115 -8.70 -9.15 -8.16
N ILE A 116 -8.16 -8.21 -7.36
CA ILE A 116 -7.01 -8.57 -6.48
C ILE A 116 -7.45 -9.63 -5.44
N SER A 117 -8.66 -9.47 -4.83
CA SER A 117 -9.17 -10.43 -3.85
C SER A 117 -9.25 -11.87 -4.44
N TYR A 118 -9.76 -11.97 -5.67
CA TYR A 118 -9.86 -13.26 -6.35
C TYR A 118 -8.45 -13.83 -6.58
N VAL A 119 -7.53 -13.03 -7.16
CA VAL A 119 -6.16 -13.48 -7.36
C VAL A 119 -5.57 -13.97 -6.01
N CYS A 120 -5.72 -13.18 -4.95
CA CYS A 120 -5.18 -13.56 -3.63
C CYS A 120 -5.75 -14.88 -3.17
N ARG A 121 -7.08 -15.08 -3.30
CA ARG A 121 -7.70 -16.36 -2.91
C ARG A 121 -7.04 -17.50 -3.66
N GLU A 122 -6.93 -17.34 -4.96
CA GLU A 122 -6.39 -18.39 -5.82
C GLU A 122 -4.93 -18.71 -5.51
N VAL A 123 -4.11 -17.68 -5.31
CA VAL A 123 -2.70 -17.85 -4.94
C VAL A 123 -2.63 -18.56 -3.56
N LEU A 124 -3.47 -18.13 -2.60
CA LEU A 124 -3.48 -18.76 -1.26
C LEU A 124 -3.86 -20.26 -1.37
N GLN A 125 -4.79 -20.62 -2.27
CA GLN A 125 -5.15 -22.02 -2.50
C GLN A 125 -3.90 -22.77 -2.98
N GLY A 126 -3.17 -22.19 -3.93
CA GLY A 126 -1.94 -22.80 -4.42
C GLY A 126 -0.89 -22.92 -3.32
N LEU A 127 -0.72 -21.83 -2.54
CA LEU A 127 0.27 -21.86 -1.45
C LEU A 127 -0.10 -22.88 -0.37
N ALA A 128 -1.40 -22.97 0.01
CA ALA A 128 -1.86 -23.92 1.04
C ALA A 128 -1.49 -25.33 0.59
N TYR A 129 -1.69 -25.60 -0.71
CA TYR A 129 -1.35 -26.90 -1.28
C TYR A 129 0.18 -27.14 -1.22
N LEU A 130 0.98 -26.18 -1.70
CA LEU A 130 2.44 -26.33 -1.69
C LEU A 130 2.95 -26.57 -0.29
N HIS A 131 2.50 -25.74 0.66
CA HIS A 131 2.98 -25.86 2.04
C HIS A 131 2.59 -27.21 2.68
N SER A 132 1.45 -27.79 2.26
CA SER A 132 0.98 -29.10 2.75
C SER A 132 1.87 -30.26 2.22
N GLN A 133 2.63 -30.00 1.12
CA GLN A 133 3.57 -30.95 0.49
C GLN A 133 5.00 -30.64 0.93
N LYS A 134 5.16 -29.72 1.91
CA LYS A 134 6.45 -29.24 2.44
C LYS A 134 7.30 -28.56 1.35
N LYS A 135 6.63 -27.87 0.41
CA LYS A 135 7.27 -27.09 -0.65
C LYS A 135 7.07 -25.61 -0.30
N ILE A 136 8.01 -24.77 -0.73
CA ILE A 136 7.95 -23.32 -0.53
C ILE A 136 8.20 -22.71 -1.91
N HIS A 137 7.41 -21.72 -2.30
CA HIS A 137 7.63 -21.14 -3.63
C HIS A 137 8.82 -20.19 -3.58
N ARG A 138 8.82 -19.25 -2.61
CA ARG A 138 9.89 -18.29 -2.39
C ARG A 138 10.08 -17.26 -3.47
N ASP A 139 9.21 -17.21 -4.50
CA ASP A 139 9.33 -16.19 -5.53
C ASP A 139 7.96 -15.69 -6.01
N ILE A 140 7.03 -15.53 -5.08
CA ILE A 140 5.71 -15.00 -5.39
C ILE A 140 5.86 -13.52 -5.76
N LYS A 141 5.28 -13.14 -6.92
CA LYS A 141 5.22 -11.78 -7.47
C LYS A 141 4.30 -11.85 -8.69
N GLY A 142 3.84 -10.70 -9.18
CA GLY A 142 2.93 -10.65 -10.32
C GLY A 142 3.44 -11.39 -11.54
N ALA A 143 4.77 -11.37 -11.75
CA ALA A 143 5.36 -12.01 -12.92
C ALA A 143 5.27 -13.55 -12.90
N ASN A 144 5.13 -14.11 -11.67
CA ASN A 144 5.08 -15.58 -11.49
C ASN A 144 3.64 -16.09 -11.26
N ILE A 145 2.65 -15.21 -11.44
CA ILE A 145 1.24 -15.60 -11.32
C ILE A 145 0.71 -15.50 -12.73
N LEU A 146 0.45 -16.65 -13.33
CA LEU A 146 0.01 -16.72 -14.73
C LEU A 146 -1.49 -16.87 -14.86
N ILE A 147 -2.05 -16.38 -15.97
CA ILE A 147 -3.48 -16.44 -16.22
C ILE A 147 -3.68 -17.13 -17.55
N ASN A 148 -4.46 -18.21 -17.59
CA ASN A 148 -4.65 -18.82 -18.90
C ASN A 148 -5.90 -18.23 -19.55
N ASP A 149 -6.24 -18.69 -20.78
CA ASP A 149 -7.38 -18.17 -21.54
C ASP A 149 -8.70 -18.46 -20.85
N ALA A 150 -8.72 -19.57 -20.06
CA ALA A 150 -9.87 -19.98 -19.28
C ALA A 150 -10.06 -19.05 -18.06
N GLY A 151 -9.13 -18.13 -17.81
CA GLY A 151 -9.21 -17.20 -16.69
C GLY A 151 -8.70 -17.81 -15.38
N GLU A 152 -8.00 -18.95 -15.49
CA GLU A 152 -7.48 -19.66 -14.33
C GLU A 152 -6.17 -19.02 -13.84
N VAL A 153 -5.96 -18.94 -12.52
CA VAL A 153 -4.77 -18.33 -11.90
C VAL A 153 -3.81 -19.51 -11.60
N ARG A 154 -2.57 -19.47 -12.11
CA ARG A 154 -1.61 -20.55 -11.90
C ARG A 154 -0.26 -20.03 -11.44
N LEU A 155 0.25 -20.56 -10.33
CA LEU A 155 1.60 -20.21 -9.87
C LEU A 155 2.66 -20.89 -10.78
N ALA A 156 3.75 -20.16 -11.09
CA ALA A 156 4.78 -20.73 -11.95
C ALA A 156 6.16 -20.29 -11.48
N ASP A 157 7.19 -20.83 -12.18
CA ASP A 157 8.60 -20.57 -12.00
C ASP A 157 9.07 -20.96 -10.62
N PHE A 158 9.35 -22.26 -10.50
CA PHE A 158 9.88 -22.79 -9.26
C PHE A 158 11.42 -22.77 -9.30
N GLY A 159 12.01 -21.95 -10.17
CA GLY A 159 13.47 -21.87 -10.29
C GLY A 159 14.16 -21.47 -9.00
N ILE A 160 13.63 -20.44 -8.31
CA ILE A 160 14.25 -20.04 -7.03
C ILE A 160 14.10 -21.16 -5.99
N SER A 161 12.90 -21.74 -5.89
CA SER A 161 12.61 -22.82 -4.95
C SER A 161 13.59 -24.00 -5.21
N ALA A 162 13.77 -24.33 -6.49
CA ALA A 162 14.67 -25.43 -6.91
C ALA A 162 16.14 -25.06 -6.57
N GLN A 163 16.57 -23.81 -6.85
CA GLN A 163 17.93 -23.35 -6.53
C GLN A 163 18.20 -23.41 -5.04
N ILE A 164 17.25 -22.92 -4.21
CA ILE A 164 17.36 -22.97 -2.74
C ILE A 164 17.51 -24.39 -2.21
N GLY A 165 16.63 -25.30 -2.64
CA GLY A 165 16.65 -26.69 -2.20
C GLY A 165 17.92 -27.41 -2.59
N ALA A 166 18.38 -27.17 -3.84
CA ALA A 166 19.60 -27.81 -4.33
C ALA A 166 20.80 -27.29 -3.53
N GLU A 167 20.84 -25.97 -3.26
CA GLU A 167 21.90 -25.29 -2.51
C GLU A 167 21.98 -25.84 -1.10
N LEU A 168 20.83 -25.99 -0.41
CA LEU A 168 20.80 -26.47 0.97
C LEU A 168 21.40 -27.89 1.03
N ALA A 169 21.06 -28.75 0.05
CA ALA A 169 21.56 -30.13 0.00
C ALA A 169 23.05 -30.18 -0.36
N ARG A 170 23.47 -29.40 -1.36
CA ARG A 170 24.88 -29.34 -1.84
C ARG A 170 25.86 -28.83 -0.75
N ARG A 171 25.47 -27.75 0.00
CA ARG A 171 26.28 -27.13 1.05
C ARG A 171 26.68 -28.10 2.17
N LEU A 172 25.77 -29.04 2.51
CA LEU A 172 25.94 -29.97 3.64
C LEU A 172 27.31 -30.63 3.73
N GLU A 173 27.85 -31.09 2.58
CA GLU A 173 29.17 -31.73 2.52
C GLU A 173 30.30 -30.83 3.02
N PHE A 174 30.12 -29.50 2.88
CA PHE A 174 31.17 -28.53 3.17
C PHE A 174 30.95 -27.61 4.37
N ILE A 175 29.86 -27.79 5.12
CA ILE A 175 29.58 -26.91 6.26
C ILE A 175 30.46 -27.24 7.50
N GLY A 176 31.21 -28.32 7.43
CA GLY A 176 32.05 -28.70 8.55
C GLY A 176 31.49 -29.91 9.27
N THR A 177 32.18 -30.36 10.30
CA THR A 177 31.80 -31.57 11.04
C THR A 177 30.66 -31.34 12.03
N PRO A 178 29.57 -32.13 11.90
CA PRO A 178 28.44 -31.87 12.78
C PRO A 178 28.66 -32.16 14.24
N TYR A 179 29.58 -33.09 14.61
CA TYR A 179 29.72 -33.52 16.02
C TYR A 179 30.06 -32.38 16.97
N TRP A 180 30.80 -31.38 16.47
CA TRP A 180 31.20 -30.26 17.32
C TRP A 180 30.33 -29.03 17.05
N MET A 181 29.31 -29.16 16.19
CA MET A 181 28.47 -28.05 15.73
C MET A 181 27.35 -27.69 16.72
N ALA A 182 27.11 -26.41 16.92
CA ALA A 182 26.06 -25.94 17.81
C ALA A 182 24.68 -26.27 17.17
N PRO A 183 23.65 -26.59 17.97
CA PRO A 183 22.33 -26.95 17.38
C PRO A 183 21.74 -25.87 16.47
N GLU A 184 21.94 -24.58 16.82
CA GLU A 184 21.44 -23.49 15.97
C GLU A 184 22.10 -23.44 14.59
N VAL A 185 23.38 -23.92 14.48
CA VAL A 185 24.07 -23.94 13.21
C VAL A 185 23.49 -25.12 12.37
N ALA A 186 23.22 -26.24 13.04
CA ALA A 186 22.63 -27.42 12.39
C ALA A 186 21.22 -27.07 11.87
N ALA A 187 20.47 -26.30 12.65
CA ALA A 187 19.11 -25.86 12.28
C ALA A 187 19.09 -25.03 11.00
N VAL A 188 20.02 -24.07 10.85
CA VAL A 188 20.09 -23.22 9.66
C VAL A 188 20.60 -24.05 8.46
N ALA A 189 21.43 -25.07 8.72
CA ALA A 189 21.95 -25.95 7.69
C ALA A 189 20.80 -26.78 7.08
N LEU A 190 19.88 -27.27 7.92
CA LEU A 190 18.77 -28.13 7.46
C LEU A 190 17.52 -27.40 7.04
N LYS A 191 17.19 -26.28 7.70
CA LYS A 191 15.93 -25.55 7.44
C LYS A 191 16.07 -24.17 6.78
N GLY A 192 17.29 -23.64 6.68
CA GLY A 192 17.55 -22.36 6.00
C GLY A 192 17.36 -21.04 6.75
N GLY A 193 16.86 -21.07 7.99
CA GLY A 193 16.71 -19.84 8.75
C GLY A 193 15.36 -19.13 8.64
N TYR A 194 14.47 -19.67 7.82
CA TYR A 194 13.10 -19.16 7.68
C TYR A 194 12.16 -20.32 7.28
N ASN A 195 10.86 -20.02 7.12
CA ASN A 195 9.95 -21.10 6.77
C ASN A 195 8.95 -20.65 5.68
N GLU A 196 7.92 -21.48 5.41
CA GLU A 196 6.91 -21.25 4.36
C GLU A 196 6.16 -19.93 4.49
N LEU A 197 6.11 -19.31 5.68
CA LEU A 197 5.40 -18.03 5.87
C LEU A 197 5.99 -16.86 5.07
N CYS A 198 7.23 -17.02 4.54
CA CYS A 198 7.85 -16.02 3.67
C CYS A 198 6.97 -15.81 2.41
N ASP A 199 6.20 -16.86 2.00
CA ASP A 199 5.32 -16.79 0.84
C ASP A 199 4.11 -15.89 1.12
N ILE A 200 3.64 -15.87 2.36
CA ILE A 200 2.49 -15.06 2.78
C ILE A 200 2.85 -13.57 2.67
N TRP A 201 4.04 -13.20 3.18
CA TRP A 201 4.54 -11.84 3.04
C TRP A 201 4.60 -11.46 1.52
N SER A 202 5.25 -12.31 0.66
CA SER A 202 5.38 -12.04 -0.77
C SER A 202 4.02 -11.82 -1.37
N LEU A 203 2.99 -12.56 -0.92
CA LEU A 203 1.64 -12.35 -1.45
C LEU A 203 1.08 -10.95 -1.07
N GLY A 204 1.30 -10.52 0.17
CA GLY A 204 0.89 -9.17 0.58
C GLY A 204 1.57 -8.12 -0.30
N ILE A 205 2.88 -8.32 -0.60
CA ILE A 205 3.58 -7.34 -1.46
C ILE A 205 2.98 -7.37 -2.87
N THR A 206 2.68 -8.59 -3.37
CA THR A 206 2.07 -8.77 -4.69
C THR A 206 0.73 -8.01 -4.76
N ALA A 207 -0.06 -8.05 -3.70
CA ALA A 207 -1.36 -7.35 -3.66
C ALA A 207 -1.15 -5.84 -3.80
N ILE A 208 -0.09 -5.28 -3.14
CA ILE A 208 0.26 -3.86 -3.33
C ILE A 208 0.68 -3.62 -4.81
N GLU A 209 1.51 -4.53 -5.37
CA GLU A 209 1.98 -4.46 -6.78
C GLU A 209 0.79 -4.43 -7.76
N LEU A 210 -0.24 -5.28 -7.53
CA LEU A 210 -1.39 -5.31 -8.42
C LEU A 210 -2.22 -4.03 -8.31
N ALA A 211 -2.25 -3.43 -7.13
CA ALA A 211 -3.01 -2.20 -6.89
C ALA A 211 -2.25 -0.96 -7.37
N GLU A 212 -0.90 -1.00 -7.34
CA GLU A 212 -0.07 0.18 -7.55
C GLU A 212 0.88 0.15 -8.75
N LEU A 213 1.00 -1.01 -9.42
CA LEU A 213 1.82 -1.28 -10.61
C LEU A 213 3.32 -1.40 -10.32
N GLN A 214 3.71 -1.30 -9.05
CA GLN A 214 5.09 -1.46 -8.62
C GLN A 214 5.06 -1.98 -7.18
N PRO A 215 6.06 -2.79 -6.79
CA PRO A 215 6.17 -3.15 -5.38
C PRO A 215 6.74 -1.93 -4.62
N PRO A 216 6.55 -1.89 -3.31
CA PRO A 216 7.18 -0.82 -2.51
C PRO A 216 8.71 -0.83 -2.71
N LEU A 217 9.31 0.38 -2.81
CA LEU A 217 10.77 0.58 -2.96
C LEU A 217 11.33 0.08 -4.30
N PHE A 218 10.49 0.01 -5.34
CA PHE A 218 10.84 -0.43 -6.69
C PHE A 218 12.04 0.30 -7.33
N ASP A 219 12.21 1.60 -7.05
CA ASP A 219 13.29 2.41 -7.65
C ASP A 219 14.54 2.55 -6.77
N VAL A 220 14.57 1.76 -5.68
CA VAL A 220 15.70 1.71 -4.75
C VAL A 220 16.62 0.56 -5.19
N HIS A 221 17.96 0.79 -5.18
CA HIS A 221 18.97 -0.23 -5.54
C HIS A 221 18.67 -1.56 -4.79
N PRO A 222 18.60 -2.72 -5.49
CA PRO A 222 18.23 -3.98 -4.81
C PRO A 222 19.05 -4.31 -3.56
N LEU A 223 20.35 -3.98 -3.54
CA LEU A 223 21.19 -4.23 -2.37
C LEU A 223 20.79 -3.34 -1.19
N ARG A 224 20.43 -2.07 -1.44
CA ARG A 224 20.01 -1.15 -0.36
C ARG A 224 18.69 -1.64 0.26
N VAL A 225 17.78 -2.21 -0.58
CA VAL A 225 16.49 -2.77 -0.11
C VAL A 225 16.75 -3.85 0.97
N LEU A 226 17.69 -4.79 0.70
CA LEU A 226 18.07 -5.85 1.64
C LEU A 226 18.47 -5.26 2.98
N PHE A 227 19.35 -4.25 2.94
CA PHE A 227 19.83 -3.56 4.13
C PHE A 227 18.71 -2.86 4.86
N LEU A 228 17.87 -2.08 4.14
CA LEU A 228 16.74 -1.38 4.75
C LEU A 228 15.79 -2.32 5.48
N MET A 229 15.47 -3.49 4.86
CA MET A 229 14.59 -4.50 5.41
C MET A 229 15.09 -5.14 6.69
N THR A 230 16.43 -5.15 6.91
CA THR A 230 17.06 -5.77 8.09
C THR A 230 17.23 -4.80 9.28
N LYS A 231 17.08 -3.47 9.02
CA LYS A 231 17.13 -2.43 10.06
C LYS A 231 16.02 -2.68 11.08
N SER A 232 16.31 -2.46 12.37
CA SER A 232 15.35 -2.67 13.47
C SER A 232 14.07 -1.83 13.33
N GLY A 233 14.17 -0.65 12.71
CA GLY A 233 13.05 0.26 12.54
C GLY A 233 12.18 0.00 11.31
N TYR A 234 12.56 -1.00 10.48
CA TYR A 234 11.84 -1.32 9.25
C TYR A 234 10.35 -1.49 9.48
N GLN A 235 9.56 -0.71 8.73
CA GLN A 235 8.12 -0.72 8.87
C GLN A 235 7.51 -1.51 7.70
N PRO A 236 6.59 -2.46 7.95
CA PRO A 236 5.88 -3.11 6.84
C PRO A 236 5.24 -2.09 5.91
N PRO A 237 5.30 -2.36 4.59
CA PRO A 237 4.67 -1.45 3.63
C PRO A 237 3.16 -1.38 3.78
N ARG A 238 2.55 -0.35 3.19
CA ARG A 238 1.11 -0.11 3.25
C ARG A 238 0.66 0.40 1.88
N LEU A 239 -0.66 0.31 1.60
CA LEU A 239 -1.22 0.80 0.34
C LEU A 239 -1.14 2.32 0.41
N LYS A 240 -0.82 2.97 -0.70
CA LYS A 240 -0.63 4.43 -0.74
C LYS A 240 -1.93 5.22 -0.72
N GLU A 241 -2.97 4.76 -1.45
CA GLU A 241 -4.26 5.43 -1.58
C GLU A 241 -5.26 4.85 -0.60
N LYS A 242 -5.30 5.37 0.63
CA LYS A 242 -6.12 4.80 1.70
C LYS A 242 -7.64 4.75 1.43
N GLY A 243 -8.21 5.84 0.91
CA GLY A 243 -9.64 5.95 0.62
C GLY A 243 -10.19 5.07 -0.50
N LYS A 244 -9.32 4.61 -1.41
CA LYS A 244 -9.73 3.78 -2.55
C LYS A 244 -10.09 2.34 -2.12
N TRP A 245 -9.51 1.87 -1.00
CA TRP A 245 -9.60 0.47 -0.59
C TRP A 245 -10.43 0.23 0.67
N SER A 246 -11.12 -0.93 0.72
CA SER A 246 -11.95 -1.27 1.86
C SER A 246 -11.11 -1.56 3.11
N ALA A 247 -11.76 -1.52 4.29
CA ALA A 247 -11.08 -1.91 5.54
C ALA A 247 -10.54 -3.38 5.45
N ALA A 248 -11.29 -4.28 4.79
CA ALA A 248 -10.91 -5.69 4.59
C ALA A 248 -9.59 -5.76 3.82
N PHE A 249 -9.45 -4.92 2.74
CA PHE A 249 -8.20 -4.94 1.95
C PHE A 249 -7.02 -4.40 2.79
N HIS A 250 -7.21 -3.26 3.48
CA HIS A 250 -6.15 -2.77 4.36
C HIS A 250 -5.77 -3.81 5.40
N ASN A 251 -6.77 -4.50 5.97
CA ASN A 251 -6.50 -5.53 6.99
C ASN A 251 -5.74 -6.72 6.42
N PHE A 252 -6.09 -7.13 5.17
CA PHE A 252 -5.37 -8.21 4.46
C PHE A 252 -3.89 -7.85 4.35
N ILE A 253 -3.60 -6.59 3.94
CA ILE A 253 -2.20 -6.15 3.82
C ILE A 253 -1.54 -6.18 5.18
N LYS A 254 -2.20 -5.59 6.19
CA LYS A 254 -1.66 -5.57 7.56
C LYS A 254 -1.25 -6.96 8.05
N VAL A 255 -2.16 -7.94 7.91
CA VAL A 255 -1.88 -9.29 8.45
C VAL A 255 -0.89 -10.08 7.60
N THR A 256 -0.99 -10.06 6.26
CA THR A 256 0.01 -10.79 5.44
C THR A 256 1.42 -10.16 5.64
N LEU A 257 1.48 -8.83 5.86
CA LEU A 257 2.77 -8.17 6.05
C LEU A 257 3.13 -8.04 7.55
N THR A 258 2.79 -9.08 8.33
CA THR A 258 3.19 -9.14 9.74
C THR A 258 4.70 -9.37 9.74
N LYS A 259 5.46 -8.43 10.34
CA LYS A 259 6.92 -8.50 10.37
C LYS A 259 7.43 -9.78 11.04
N SER A 260 6.92 -10.11 12.24
CA SER A 260 7.32 -11.31 12.96
C SER A 260 6.74 -12.57 12.24
N PRO A 261 7.59 -13.50 11.72
CA PRO A 261 7.03 -14.72 11.11
C PRO A 261 6.31 -15.67 12.09
N LYS A 262 6.53 -15.51 13.41
CA LYS A 262 5.83 -16.30 14.41
C LYS A 262 4.37 -15.84 14.52
N LYS A 263 4.10 -14.58 14.17
CA LYS A 263 2.75 -14.01 14.23
C LYS A 263 2.05 -13.99 12.85
N ARG A 264 2.80 -14.21 11.75
CA ARG A 264 2.22 -14.16 10.41
C ARG A 264 1.28 -15.35 10.14
N PRO A 265 0.03 -15.11 9.67
CA PRO A 265 -0.90 -16.21 9.45
C PRO A 265 -0.53 -17.14 8.31
N SER A 266 -0.89 -18.43 8.43
CA SER A 266 -0.65 -19.48 7.45
C SER A 266 -1.54 -19.28 6.20
N ALA A 267 -1.26 -19.99 5.08
CA ALA A 267 -2.11 -19.84 3.89
C ALA A 267 -3.55 -20.29 4.21
N THR A 268 -3.69 -21.44 4.93
CA THR A 268 -5.02 -21.96 5.30
C THR A 268 -5.77 -20.96 6.17
N LYS A 269 -5.07 -20.31 7.13
CA LYS A 269 -5.73 -19.31 7.99
C LYS A 269 -6.18 -18.08 7.17
N MET A 270 -5.32 -17.67 6.23
CA MET A 270 -5.62 -16.53 5.37
C MET A 270 -6.82 -16.80 4.49
N LEU A 271 -7.08 -18.08 4.10
CA LEU A 271 -8.22 -18.40 3.26
C LEU A 271 -9.56 -18.10 3.91
N SER A 272 -9.57 -17.92 5.24
CA SER A 272 -10.83 -17.58 5.91
C SER A 272 -10.96 -16.07 6.09
N HIS A 273 -9.93 -15.29 5.68
CA HIS A 273 -9.96 -13.83 5.83
C HIS A 273 -11.12 -13.26 5.06
N GLN A 274 -11.77 -12.24 5.64
CA GLN A 274 -12.94 -11.59 5.02
C GLN A 274 -12.72 -11.23 3.53
N LEU A 275 -11.53 -10.69 3.20
CA LEU A 275 -11.29 -10.28 1.81
C LEU A 275 -11.42 -11.41 0.82
N VAL A 276 -10.81 -12.57 1.13
CA VAL A 276 -10.72 -13.66 0.15
C VAL A 276 -11.82 -14.70 0.27
N SER A 277 -12.65 -14.57 1.31
CA SER A 277 -13.74 -15.51 1.54
C SER A 277 -15.13 -14.95 1.09
N GLN A 278 -15.12 -13.79 0.40
CA GLN A 278 -16.32 -13.16 -0.18
C GLN A 278 -16.96 -14.14 -1.16
N PRO A 279 -18.27 -14.40 -0.99
CA PRO A 279 -18.95 -15.34 -1.87
C PRO A 279 -18.94 -14.99 -3.37
N GLY A 280 -18.88 -13.70 -3.67
CA GLY A 280 -18.95 -13.17 -5.04
C GLY A 280 -17.69 -13.28 -5.89
N LEU A 281 -16.56 -13.71 -5.30
CA LEU A 281 -15.30 -13.84 -6.06
C LEU A 281 -15.38 -15.04 -6.99
N ASN A 282 -15.22 -14.79 -8.30
CA ASN A 282 -15.24 -15.87 -9.29
C ASN A 282 -14.40 -15.51 -10.50
N ARG A 283 -14.18 -16.49 -11.41
CA ARG A 283 -13.34 -16.31 -12.60
C ARG A 283 -13.79 -15.15 -13.51
N GLY A 284 -15.09 -14.82 -13.47
CA GLY A 284 -15.68 -13.74 -14.24
C GLY A 284 -14.92 -12.44 -14.07
N LEU A 285 -14.40 -12.20 -12.84
CA LEU A 285 -13.57 -11.03 -12.54
C LEU A 285 -12.31 -10.96 -13.40
N ILE A 286 -11.66 -12.11 -13.64
CA ILE A 286 -10.44 -12.22 -14.46
C ILE A 286 -10.83 -12.24 -15.95
N LEU A 287 -11.88 -12.96 -16.31
CA LEU A 287 -12.32 -12.97 -17.72
C LEU A 287 -12.63 -11.54 -18.20
N ASP A 288 -13.18 -10.69 -17.30
CA ASP A 288 -13.44 -9.26 -17.54
C ASP A 288 -12.12 -8.53 -17.79
N LEU A 289 -11.10 -8.86 -16.98
CA LEU A 289 -9.76 -8.29 -17.08
C LEU A 289 -9.19 -8.62 -18.46
N LEU A 290 -9.34 -9.89 -18.92
CA LEU A 290 -8.87 -10.35 -20.24
C LEU A 290 -9.68 -9.64 -21.36
N ASP A 291 -10.98 -9.36 -21.12
CA ASP A 291 -11.81 -8.58 -22.07
C ASP A 291 -11.24 -7.20 -22.34
N LYS A 292 -10.73 -6.52 -21.29
CA LYS A 292 -10.12 -5.19 -21.36
C LYS A 292 -8.80 -5.27 -22.14
N LEU A 293 -8.06 -6.38 -21.98
CA LEU A 293 -6.80 -6.65 -22.67
C LEU A 293 -6.96 -6.67 -24.18
N LYS A 294 -8.12 -7.13 -24.70
CA LYS A 294 -8.42 -7.23 -26.13
C LYS A 294 -8.97 -5.91 -26.69
N ASP B 7 0.86 32.97 -11.39
CA ASP B 7 1.36 33.47 -10.12
C ASP B 7 2.76 34.06 -10.29
N PRO B 8 3.04 35.31 -9.85
CA PRO B 8 4.39 35.85 -10.02
C PRO B 8 5.40 35.27 -9.02
N ASP B 9 4.93 34.47 -8.02
CA ASP B 9 5.87 33.89 -7.06
C ASP B 9 6.43 32.52 -7.50
N ILE B 10 5.74 31.81 -8.42
CA ILE B 10 6.15 30.48 -8.90
C ILE B 10 7.55 30.45 -9.55
N PHE B 11 8.29 29.35 -9.38
CA PHE B 11 9.57 29.18 -10.04
C PHE B 11 9.31 28.46 -11.35
N ASN B 12 9.63 29.09 -12.50
CA ASN B 12 9.45 28.41 -13.78
C ASN B 12 10.73 27.62 -14.12
N ARG B 13 11.02 26.61 -13.30
CA ARG B 13 12.22 25.81 -13.46
C ARG B 13 12.07 24.47 -12.82
N ASP B 14 12.93 23.54 -13.19
CA ASP B 14 12.92 22.21 -12.62
C ASP B 14 13.35 22.30 -11.16
N PRO B 15 12.56 21.75 -10.19
CA PRO B 15 12.97 21.85 -8.78
C PRO B 15 14.26 21.07 -8.50
N ARG B 16 14.65 20.11 -9.39
CA ARG B 16 15.89 19.34 -9.24
C ARG B 16 17.13 20.23 -9.47
N ASP B 17 16.96 21.49 -9.93
CA ASP B 17 18.05 22.48 -9.99
C ASP B 17 18.47 22.81 -8.56
N HIS B 18 17.48 22.80 -7.63
CA HIS B 18 17.64 23.18 -6.21
C HIS B 18 17.68 22.02 -5.23
N TYR B 19 17.01 20.89 -5.54
CA TYR B 19 16.88 19.75 -4.62
C TYR B 19 17.25 18.41 -5.17
N ASP B 20 17.76 17.53 -4.30
CA ASP B 20 17.96 16.13 -4.66
C ASP B 20 16.75 15.40 -4.11
N LEU B 21 16.10 14.57 -4.92
CA LEU B 21 14.97 13.74 -4.45
C LEU B 21 15.50 12.50 -3.76
N LEU B 22 15.09 12.29 -2.50
CA LEU B 22 15.63 11.24 -1.66
C LEU B 22 14.77 10.03 -1.39
N GLN B 23 13.45 10.22 -1.21
CA GLN B 23 12.56 9.11 -0.84
C GLN B 23 11.11 9.42 -1.22
N ARG B 24 10.35 8.40 -1.63
CA ARG B 24 8.91 8.57 -1.88
C ARG B 24 8.21 8.55 -0.52
N LEU B 25 7.28 9.51 -0.31
CA LEU B 25 6.58 9.61 0.97
C LEU B 25 5.06 9.39 0.76
N GLY B 26 4.67 8.61 -0.24
CA GLY B 26 3.24 8.36 -0.42
C GLY B 26 2.49 9.41 -1.20
N GLY B 27 1.17 9.40 -1.03
CA GLY B 27 0.28 10.27 -1.79
C GLY B 27 -0.35 11.36 -0.97
N GLY B 28 -1.67 11.38 -0.99
CA GLY B 28 -2.48 12.37 -0.28
C GLY B 28 -3.76 12.53 -1.06
N THR B 29 -4.52 13.59 -0.80
CA THR B 29 -5.77 13.81 -1.55
C THR B 29 -5.51 13.79 -3.07
N TYR B 30 -4.43 14.46 -3.48
CA TYR B 30 -3.91 14.38 -4.86
C TYR B 30 -2.38 14.56 -4.84
N GLY B 31 -1.74 14.07 -5.90
CA GLY B 31 -0.29 14.16 -6.01
C GLY B 31 0.52 13.12 -5.27
N GLU B 32 1.85 13.27 -5.36
CA GLU B 32 2.85 12.35 -4.80
C GLU B 32 3.83 13.21 -4.04
N VAL B 33 4.18 12.79 -2.84
CA VAL B 33 5.11 13.59 -2.03
C VAL B 33 6.46 12.90 -1.95
N PHE B 34 7.53 13.71 -1.97
CA PHE B 34 8.92 13.24 -1.90
C PHE B 34 9.69 13.98 -0.84
N LYS B 35 10.61 13.26 -0.17
CA LYS B 35 11.58 13.83 0.73
C LYS B 35 12.67 14.37 -0.21
N ALA B 36 13.16 15.56 0.08
CA ALA B 36 14.18 16.19 -0.73
C ALA B 36 15.19 16.95 0.09
N ARG B 37 16.40 17.13 -0.48
CA ARG B 37 17.46 17.83 0.20
C ARG B 37 17.93 19.00 -0.63
N ASP B 38 18.00 20.17 0.00
CA ASP B 38 18.43 21.41 -0.62
C ASP B 38 19.92 21.26 -0.97
N LYS B 39 20.26 21.42 -2.27
CA LYS B 39 21.64 21.22 -2.74
C LYS B 39 22.64 22.20 -2.13
N VAL B 40 22.18 23.39 -1.75
CA VAL B 40 23.10 24.40 -1.23
C VAL B 40 23.26 24.29 0.30
N SER B 41 22.14 24.29 1.05
CA SER B 41 22.12 24.28 2.51
C SER B 41 22.08 22.91 3.19
N GLY B 42 21.69 21.87 2.46
CA GLY B 42 21.54 20.53 3.02
C GLY B 42 20.24 20.35 3.80
N ASP B 43 19.40 21.40 3.86
CA ASP B 43 18.10 21.34 4.56
C ASP B 43 17.13 20.38 3.86
N LEU B 44 16.29 19.68 4.66
CA LEU B 44 15.28 18.76 4.12
C LEU B 44 13.96 19.47 3.99
N VAL B 45 13.24 19.10 2.94
CA VAL B 45 11.90 19.64 2.64
C VAL B 45 11.04 18.47 2.13
N ALA B 46 9.74 18.73 1.97
CA ALA B 46 8.86 17.77 1.33
C ALA B 46 8.42 18.49 0.04
N LEU B 47 8.47 17.78 -1.07
CA LEU B 47 8.00 18.31 -2.36
C LEU B 47 6.81 17.49 -2.78
N LYS B 48 5.70 18.16 -3.00
CA LYS B 48 4.47 17.51 -3.46
C LYS B 48 4.35 17.79 -4.96
N MET B 49 4.38 16.74 -5.79
CA MET B 49 4.30 16.84 -7.25
C MET B 49 2.90 16.52 -7.70
N VAL B 50 2.28 17.43 -8.47
CA VAL B 50 0.93 17.28 -8.97
C VAL B 50 0.98 17.41 -10.49
N LYS B 51 0.34 16.48 -11.20
CA LYS B 51 0.29 16.53 -12.66
C LYS B 51 -0.59 17.72 -13.05
N MET B 52 -0.09 18.58 -13.95
CA MET B 52 -0.79 19.79 -14.39
C MET B 52 -0.63 20.06 -15.89
N GLU B 53 -1.55 19.48 -16.67
CA GLU B 53 -1.66 19.60 -18.13
C GLU B 53 -1.96 21.06 -18.53
N PRO B 54 -1.59 21.49 -19.78
CA PRO B 54 -1.88 22.88 -20.20
C PRO B 54 -3.39 23.23 -20.23
N ASP B 55 -4.25 22.24 -20.51
CA ASP B 55 -5.72 22.43 -20.58
C ASP B 55 -6.47 22.24 -19.24
N ASP B 56 -5.77 21.74 -18.19
CA ASP B 56 -6.38 21.50 -16.88
C ASP B 56 -6.70 22.77 -16.09
N ASP B 57 -7.74 22.69 -15.24
CA ASP B 57 -8.17 23.84 -14.42
C ASP B 57 -7.14 24.09 -13.32
N VAL B 58 -6.60 25.29 -13.26
CA VAL B 58 -5.57 25.63 -12.26
C VAL B 58 -6.17 26.07 -10.91
N SER B 59 -7.49 26.36 -10.85
CA SER B 59 -8.11 26.92 -9.64
C SER B 59 -7.88 26.14 -8.34
N THR B 60 -7.92 24.80 -8.39
CA THR B 60 -7.67 24.03 -7.15
C THR B 60 -6.26 24.27 -6.62
N LEU B 61 -5.26 24.09 -7.49
CA LEU B 61 -3.88 24.27 -7.07
C LEU B 61 -3.61 25.73 -6.69
N GLN B 62 -4.24 26.71 -7.37
CA GLN B 62 -4.07 28.12 -7.00
C GLN B 62 -4.55 28.37 -5.56
N LYS B 63 -5.68 27.78 -5.23
CA LYS B 63 -6.32 27.89 -3.93
C LYS B 63 -5.49 27.15 -2.86
N GLU B 64 -4.91 25.99 -3.21
CA GLU B 64 -4.08 25.28 -2.23
C GLU B 64 -2.86 26.10 -1.87
N ILE B 65 -2.19 26.67 -2.88
CA ILE B 65 -0.98 27.45 -2.60
C ILE B 65 -1.35 28.74 -1.84
N LEU B 66 -2.50 29.38 -2.15
CA LEU B 66 -2.92 30.59 -1.43
C LEU B 66 -3.17 30.26 0.05
N ILE B 67 -3.86 29.12 0.34
CA ILE B 67 -4.07 28.68 1.74
C ILE B 67 -2.73 28.53 2.49
N LEU B 68 -1.79 27.80 1.88
CA LEU B 68 -0.49 27.52 2.47
C LEU B 68 0.38 28.75 2.70
N LYS B 69 0.46 29.60 1.67
CA LYS B 69 1.36 30.75 1.60
C LYS B 69 1.01 31.82 2.62
N THR B 70 -0.29 31.94 2.97
CA THR B 70 -0.78 32.95 3.93
C THR B 70 -0.93 32.39 5.36
N CYS B 71 -0.48 31.13 5.59
CA CYS B 71 -0.44 30.55 6.94
C CYS B 71 0.95 30.80 7.48
N ARG B 72 1.02 31.31 8.71
CA ARG B 72 2.28 31.51 9.42
C ARG B 72 2.01 31.09 10.87
N HIS B 73 1.96 29.76 11.09
CA HIS B 73 1.67 29.18 12.41
C HIS B 73 2.47 27.91 12.54
N ALA B 74 3.12 27.72 13.72
CA ALA B 74 3.95 26.53 13.92
C ALA B 74 3.23 25.22 13.61
N ASN B 75 1.93 25.11 13.95
CA ASN B 75 1.19 23.84 13.79
C ASN B 75 0.58 23.59 12.39
N ILE B 76 1.01 24.38 11.39
CA ILE B 76 0.62 24.16 10.01
C ILE B 76 1.93 24.06 9.24
N VAL B 77 2.13 22.98 8.44
CA VAL B 77 3.39 22.83 7.67
C VAL B 77 3.79 24.13 6.99
N ALA B 78 5.06 24.53 7.14
CA ALA B 78 5.57 25.73 6.49
C ALA B 78 5.54 25.55 4.98
N TYR B 79 5.39 26.68 4.27
CA TYR B 79 5.35 26.74 2.80
C TYR B 79 6.62 27.46 2.35
N HIS B 80 7.34 26.86 1.38
CA HIS B 80 8.58 27.46 0.90
C HIS B 80 8.47 28.01 -0.49
N GLY B 81 7.58 27.46 -1.28
CA GLY B 81 7.40 27.94 -2.64
C GLY B 81 6.94 26.86 -3.57
N SER B 82 6.74 27.18 -4.87
CA SER B 82 6.26 26.20 -5.83
C SER B 82 7.01 26.34 -7.13
N TYR B 83 7.07 25.25 -7.88
CA TYR B 83 7.73 25.18 -9.18
C TYR B 83 6.74 24.66 -10.22
N LEU B 84 6.79 25.21 -11.45
CA LEU B 84 6.00 24.70 -12.57
C LEU B 84 7.01 24.30 -13.63
N TRP B 85 7.03 23.01 -14.02
CA TRP B 85 7.98 22.51 -15.00
C TRP B 85 7.49 21.23 -15.64
N LEU B 86 7.44 21.20 -17.00
CA LEU B 86 7.09 19.98 -17.74
C LEU B 86 5.78 19.35 -17.26
N GLN B 87 4.73 20.19 -17.20
CA GLN B 87 3.36 19.80 -16.86
C GLN B 87 3.25 19.20 -15.45
N LYS B 88 4.17 19.60 -14.57
CA LYS B 88 4.15 19.17 -13.17
C LYS B 88 4.29 20.41 -12.28
N LEU B 89 3.46 20.49 -11.23
CA LEU B 89 3.50 21.59 -10.26
C LEU B 89 4.08 20.95 -9.01
N TRP B 90 5.11 21.55 -8.43
CA TRP B 90 5.76 21.03 -7.23
C TRP B 90 5.54 22.02 -6.11
N ILE B 91 4.94 21.59 -5.00
CA ILE B 91 4.73 22.47 -3.86
C ILE B 91 5.74 22.07 -2.78
N CYS B 92 6.56 23.04 -2.36
CA CYS B 92 7.63 22.83 -1.41
C CYS B 92 7.23 23.24 -0.01
N MET B 93 7.30 22.27 0.90
CA MET B 93 6.84 22.42 2.26
C MET B 93 7.78 21.86 3.28
N GLU B 94 7.45 22.09 4.54
CA GLU B 94 8.20 21.53 5.68
C GLU B 94 8.19 19.98 5.68
N PHE B 95 9.35 19.37 5.88
CA PHE B 95 9.42 17.90 5.98
C PHE B 95 9.21 17.53 7.45
N CYS B 96 8.44 16.46 7.70
CA CYS B 96 8.15 15.93 9.05
C CYS B 96 8.66 14.49 9.14
N GLY B 97 9.84 14.37 9.75
CA GLY B 97 10.63 13.15 9.82
C GLY B 97 10.01 11.85 10.28
N ALA B 98 8.95 11.92 11.12
CA ALA B 98 8.27 10.72 11.60
C ALA B 98 6.99 10.36 10.83
N GLY B 99 6.66 11.14 9.81
CA GLY B 99 5.47 10.87 9.02
C GLY B 99 4.19 11.22 9.73
N SER B 100 3.07 10.60 9.31
CA SER B 100 1.79 10.96 9.94
C SER B 100 1.57 10.12 11.20
N LEU B 101 0.60 10.53 12.00
CA LEU B 101 0.22 9.72 13.16
C LEU B 101 -0.31 8.33 12.71
N GLN B 102 -0.99 8.26 11.53
CA GLN B 102 -1.46 6.98 11.03
C GLN B 102 -0.27 6.05 10.72
N ASP B 103 0.80 6.58 10.05
CA ASP B 103 2.03 5.82 9.76
C ASP B 103 2.59 5.24 11.06
N ILE B 104 2.62 6.09 12.10
CA ILE B 104 3.19 5.73 13.40
C ILE B 104 2.36 4.67 14.12
N TYR B 105 1.04 4.93 14.34
CA TYR B 105 0.23 3.99 15.12
C TYR B 105 0.08 2.63 14.43
N GLN B 106 0.32 2.57 13.12
CA GLN B 106 0.27 1.26 12.44
C GLN B 106 1.43 0.35 12.92
N VAL B 107 2.47 0.93 13.57
CA VAL B 107 3.61 0.18 14.13
C VAL B 107 3.48 0.09 15.65
N THR B 108 3.26 1.25 16.29
CA THR B 108 3.22 1.34 17.77
C THR B 108 1.97 0.81 18.45
N GLY B 109 0.84 0.83 17.77
CA GLY B 109 -0.45 0.54 18.39
C GLY B 109 -1.00 1.83 18.97
N SER B 110 -2.09 1.74 19.75
CA SER B 110 -2.81 2.85 20.33
C SER B 110 -1.92 3.84 21.06
N LEU B 111 -2.25 5.14 20.96
CA LEU B 111 -1.52 6.15 21.72
C LEU B 111 -2.05 6.14 23.16
N SER B 112 -1.27 6.69 24.09
CA SER B 112 -1.71 6.81 25.47
C SER B 112 -2.62 8.04 25.53
N GLU B 113 -3.38 8.18 26.60
CA GLU B 113 -4.25 9.32 26.75
C GLU B 113 -3.45 10.62 26.80
N LEU B 114 -2.24 10.64 27.44
CA LEU B 114 -1.47 11.90 27.49
C LEU B 114 -0.94 12.28 26.07
N GLN B 115 -0.53 11.27 25.30
CA GLN B 115 -0.06 11.44 23.91
C GLN B 115 -1.20 11.99 23.09
N ILE B 116 -2.41 11.42 23.23
CA ILE B 116 -3.58 11.93 22.51
C ILE B 116 -3.90 13.39 22.91
N SER B 117 -3.89 13.68 24.21
CA SER B 117 -4.15 15.01 24.73
C SER B 117 -3.21 16.04 24.10
N TYR B 118 -1.89 15.73 24.03
CA TYR B 118 -0.92 16.66 23.47
C TYR B 118 -1.24 16.88 21.98
N VAL B 119 -1.44 15.80 21.21
CA VAL B 119 -1.78 15.97 19.79
C VAL B 119 -3.04 16.85 19.61
N CYS B 120 -4.10 16.58 20.42
CA CYS B 120 -5.33 17.37 20.32
C CYS B 120 -5.09 18.84 20.59
N ARG B 121 -4.27 19.15 21.60
CA ARG B 121 -3.95 20.55 21.90
C ARG B 121 -3.28 21.19 20.67
N GLU B 122 -2.28 20.47 20.12
CA GLU B 122 -1.52 20.99 18.97
C GLU B 122 -2.40 21.19 17.74
N VAL B 123 -3.27 20.21 17.46
CA VAL B 123 -4.18 20.34 16.33
C VAL B 123 -5.14 21.50 16.58
N LEU B 124 -5.67 21.63 17.81
CA LEU B 124 -6.58 22.73 18.13
C LEU B 124 -5.94 24.10 17.96
N GLN B 125 -4.64 24.25 18.29
CA GLN B 125 -3.94 25.50 18.07
C GLN B 125 -3.89 25.82 16.56
N GLY B 126 -3.55 24.83 15.74
CA GLY B 126 -3.55 25.04 14.29
C GLY B 126 -4.95 25.34 13.75
N LEU B 127 -5.97 24.64 14.29
CA LEU B 127 -7.36 24.92 13.83
C LEU B 127 -7.86 26.30 14.23
N ALA B 128 -7.54 26.74 15.46
CA ALA B 128 -7.91 28.07 15.94
C ALA B 128 -7.27 29.11 14.99
N TYR B 129 -6.03 28.86 14.57
CA TYR B 129 -5.38 29.79 13.62
C TYR B 129 -6.07 29.80 12.26
N LEU B 130 -6.25 28.60 11.68
CA LEU B 130 -6.93 28.51 10.39
C LEU B 130 -8.31 29.18 10.40
N HIS B 131 -9.12 28.86 11.42
CA HIS B 131 -10.46 29.41 11.51
C HIS B 131 -10.41 30.95 11.69
N SER B 132 -9.31 31.47 12.32
CA SER B 132 -9.08 32.93 12.54
C SER B 132 -8.85 33.65 11.21
N GLN B 133 -8.46 32.88 10.18
CA GLN B 133 -8.23 33.38 8.82
C GLN B 133 -9.42 33.09 7.90
N LYS B 134 -10.53 32.56 8.43
CA LYS B 134 -11.70 32.15 7.65
C LYS B 134 -11.33 30.96 6.71
N LYS B 135 -10.36 30.13 7.15
CA LYS B 135 -9.98 28.94 6.42
C LYS B 135 -10.60 27.72 7.11
N ILE B 136 -10.84 26.65 6.35
CA ILE B 136 -11.37 25.41 6.92
C ILE B 136 -10.45 24.30 6.40
N HIS B 137 -10.07 23.36 7.25
CA HIS B 137 -9.21 22.26 6.79
C HIS B 137 -10.10 21.22 6.04
N ARG B 138 -11.17 20.70 6.71
CA ARG B 138 -12.19 19.76 6.19
C ARG B 138 -11.67 18.33 5.93
N ASP B 139 -10.42 18.05 6.31
CA ASP B 139 -9.84 16.71 6.17
C ASP B 139 -8.93 16.32 7.35
N ILE B 140 -9.34 16.69 8.57
CA ILE B 140 -8.60 16.34 9.79
C ILE B 140 -8.78 14.83 10.05
N LYS B 141 -7.65 14.12 10.19
CA LYS B 141 -7.60 12.68 10.45
C LYS B 141 -6.13 12.36 10.73
N GLY B 142 -5.87 11.18 11.31
CA GLY B 142 -4.49 10.84 11.65
C GLY B 142 -3.51 10.98 10.50
N ALA B 143 -3.96 10.67 9.27
CA ALA B 143 -3.10 10.68 8.07
C ALA B 143 -2.59 12.11 7.74
N ASN B 144 -3.32 13.12 8.20
CA ASN B 144 -3.01 14.51 7.92
C ASN B 144 -2.37 15.26 9.11
N ILE B 145 -2.06 14.55 10.20
CA ILE B 145 -1.40 15.16 11.36
C ILE B 145 -0.01 14.58 11.32
N LEU B 146 0.97 15.44 10.96
CA LEU B 146 2.35 15.04 10.75
C LEU B 146 3.21 15.30 11.97
N ILE B 147 4.20 14.44 12.16
CA ILE B 147 5.10 14.50 13.31
C ILE B 147 6.52 14.65 12.84
N ASN B 148 7.25 15.64 13.39
CA ASN B 148 8.68 15.78 13.03
C ASN B 148 9.60 15.03 14.03
N ASP B 149 10.91 15.03 13.79
CA ASP B 149 11.80 14.25 14.66
C ASP B 149 11.88 14.81 16.08
N ALA B 150 11.44 16.07 16.26
CA ALA B 150 11.40 16.75 17.56
C ALA B 150 10.12 16.41 18.34
N GLY B 151 9.20 15.66 17.71
CA GLY B 151 7.95 15.32 18.35
C GLY B 151 6.92 16.43 18.22
N GLU B 152 7.18 17.42 17.33
CA GLU B 152 6.24 18.54 17.09
C GLU B 152 5.19 18.11 16.06
N VAL B 153 4.02 18.74 16.11
CA VAL B 153 2.83 18.34 15.34
C VAL B 153 2.51 19.43 14.29
N ARG B 154 2.27 19.02 13.02
CA ARG B 154 1.87 19.96 11.97
C ARG B 154 0.71 19.38 11.18
N LEU B 155 -0.30 20.24 10.89
CA LEU B 155 -1.39 19.85 10.01
C LEU B 155 -0.92 19.98 8.57
N ALA B 156 -1.42 19.08 7.73
CA ALA B 156 -1.02 19.12 6.32
C ALA B 156 -2.20 18.69 5.45
N ASP B 157 -2.00 18.82 4.12
CA ASP B 157 -2.90 18.42 3.04
C ASP B 157 -4.19 19.22 3.01
N PHE B 158 -4.10 20.42 2.44
CA PHE B 158 -5.26 21.29 2.21
C PHE B 158 -5.93 20.94 0.84
N GLY B 159 -5.69 19.73 0.34
CA GLY B 159 -6.27 19.33 -0.94
C GLY B 159 -7.78 19.38 -0.95
N ILE B 160 -8.43 18.81 0.08
CA ILE B 160 -9.90 18.80 0.13
C ILE B 160 -10.37 20.25 0.27
N SER B 161 -9.73 21.00 1.17
CA SER B 161 -10.10 22.40 1.39
C SER B 161 -10.03 23.23 0.09
N ALA B 162 -8.93 23.08 -0.66
CA ALA B 162 -8.72 23.73 -1.94
C ALA B 162 -9.78 23.28 -2.96
N GLN B 163 -10.09 21.98 -3.03
CA GLN B 163 -11.11 21.45 -3.97
C GLN B 163 -12.49 22.04 -3.69
N ILE B 164 -12.89 22.13 -2.41
CA ILE B 164 -14.21 22.66 -2.04
C ILE B 164 -14.30 24.13 -2.50
N GLY B 165 -13.27 24.91 -2.18
CA GLY B 165 -13.16 26.33 -2.54
C GLY B 165 -13.22 26.54 -4.04
N ALA B 166 -12.47 25.71 -4.82
CA ALA B 166 -12.48 25.78 -6.28
C ALA B 166 -13.87 25.39 -6.80
N GLU B 167 -14.47 24.35 -6.23
CA GLU B 167 -15.80 23.87 -6.60
C GLU B 167 -16.87 24.94 -6.43
N LEU B 168 -16.88 25.65 -5.28
CA LEU B 168 -17.89 26.67 -5.01
C LEU B 168 -17.89 27.73 -6.11
N ALA B 169 -16.70 28.27 -6.45
CA ALA B 169 -16.53 29.28 -7.48
C ALA B 169 -16.88 28.78 -8.89
N ARG B 170 -16.48 27.54 -9.23
CA ARG B 170 -16.74 26.94 -10.54
C ARG B 170 -18.24 26.64 -10.82
N ARG B 171 -18.96 26.08 -9.83
CA ARG B 171 -20.37 25.68 -9.91
C ARG B 171 -21.29 26.84 -10.29
N LEU B 172 -21.00 28.03 -9.73
CA LEU B 172 -21.75 29.30 -9.83
C LEU B 172 -22.37 29.60 -11.21
N GLU B 173 -21.58 29.49 -12.28
CA GLU B 173 -22.02 29.77 -13.65
C GLU B 173 -23.17 28.89 -14.15
N PHE B 174 -23.19 27.60 -13.72
CA PHE B 174 -24.13 26.57 -14.18
C PHE B 174 -25.34 26.28 -13.29
N ILE B 175 -25.46 26.94 -12.13
CA ILE B 175 -26.55 26.64 -11.19
C ILE B 175 -27.93 27.08 -11.70
N GLY B 176 -27.98 27.83 -12.80
CA GLY B 176 -29.23 28.29 -13.40
C GLY B 176 -29.47 29.76 -13.11
N THR B 177 -30.50 30.34 -13.75
CA THR B 177 -30.82 31.78 -13.59
C THR B 177 -31.07 32.13 -12.14
N PRO B 178 -30.63 33.29 -11.63
CA PRO B 178 -30.92 33.55 -10.22
C PRO B 178 -32.28 34.20 -9.97
N TYR B 179 -32.89 34.86 -10.95
CA TYR B 179 -34.10 35.67 -10.70
C TYR B 179 -35.29 34.88 -10.10
N TRP B 180 -35.43 33.58 -10.45
CA TRP B 180 -36.51 32.74 -9.95
C TRP B 180 -36.07 31.83 -8.80
N MET B 181 -34.78 31.91 -8.39
CA MET B 181 -34.18 31.04 -7.39
C MET B 181 -34.61 31.35 -5.96
N ALA B 182 -34.84 30.31 -5.16
CA ALA B 182 -35.22 30.49 -3.74
C ALA B 182 -33.98 30.97 -2.96
N PRO B 183 -34.17 31.85 -1.94
CA PRO B 183 -32.99 32.40 -1.21
C PRO B 183 -32.07 31.31 -0.61
N GLU B 184 -32.64 30.18 -0.17
CA GLU B 184 -31.84 29.09 0.40
C GLU B 184 -30.94 28.42 -0.67
N VAL B 185 -31.38 28.40 -1.95
CA VAL B 185 -30.58 27.88 -3.06
C VAL B 185 -29.37 28.80 -3.29
N ALA B 186 -29.61 30.13 -3.27
CA ALA B 186 -28.57 31.15 -3.42
C ALA B 186 -27.58 31.09 -2.25
N ALA B 187 -28.08 30.85 -1.02
CA ALA B 187 -27.26 30.79 0.19
C ALA B 187 -26.27 29.65 0.14
N VAL B 188 -26.75 28.44 -0.22
CA VAL B 188 -25.87 27.27 -0.30
C VAL B 188 -24.84 27.45 -1.43
N ALA B 189 -25.24 28.08 -2.56
CA ALA B 189 -24.38 28.36 -3.70
C ALA B 189 -23.24 29.31 -3.34
N LEU B 190 -23.49 30.29 -2.46
CA LEU B 190 -22.46 31.23 -2.04
C LEU B 190 -21.70 30.85 -0.76
N LYS B 191 -22.34 30.12 0.18
CA LYS B 191 -21.76 29.79 1.49
C LYS B 191 -21.40 28.31 1.74
N GLY B 192 -21.97 27.37 0.98
CA GLY B 192 -21.60 25.97 1.10
C GLY B 192 -22.52 24.99 1.83
N GLY B 193 -23.17 25.43 2.89
CA GLY B 193 -24.08 24.59 3.67
C GLY B 193 -23.61 24.22 5.06
N TYR B 194 -22.33 24.50 5.38
CA TYR B 194 -21.79 24.19 6.71
C TYR B 194 -20.65 25.17 6.99
N ASN B 195 -20.02 25.05 8.16
CA ASN B 195 -18.98 25.98 8.54
C ASN B 195 -17.76 25.28 9.16
N GLU B 196 -16.83 26.07 9.69
CA GLU B 196 -15.55 25.59 10.27
C GLU B 196 -15.67 24.60 11.44
N LEU B 197 -16.82 24.55 12.14
CA LEU B 197 -17.01 23.64 13.25
C LEU B 197 -16.97 22.14 12.81
N CYS B 198 -17.02 21.91 11.48
CA CYS B 198 -16.90 20.54 10.96
C CYS B 198 -15.53 19.97 11.39
N ASP B 199 -14.50 20.84 11.50
CA ASP B 199 -13.14 20.42 11.87
C ASP B 199 -13.06 19.94 13.33
N ILE B 200 -13.91 20.52 14.20
CA ILE B 200 -13.96 20.14 15.62
C ILE B 200 -14.50 18.69 15.74
N TRP B 201 -15.58 18.41 15.01
CA TRP B 201 -16.10 17.05 14.91
C TRP B 201 -14.99 16.08 14.42
N SER B 202 -14.30 16.43 13.32
CA SER B 202 -13.24 15.58 12.74
C SER B 202 -12.13 15.33 13.76
N LEU B 203 -11.78 16.36 14.57
CA LEU B 203 -10.81 16.15 15.63
C LEU B 203 -11.28 15.10 16.65
N GLY B 204 -12.54 15.14 17.06
CA GLY B 204 -13.08 14.16 18.00
C GLY B 204 -12.97 12.75 17.44
N ILE B 205 -13.32 12.59 16.14
CA ILE B 205 -13.22 11.27 15.50
C ILE B 205 -11.72 10.86 15.50
N THR B 206 -10.80 11.83 15.25
CA THR B 206 -9.36 11.58 15.21
C THR B 206 -8.87 11.11 16.55
N ALA B 207 -9.38 11.73 17.65
CA ALA B 207 -8.98 11.30 18.99
C ALA B 207 -9.38 9.81 19.20
N ILE B 208 -10.58 9.40 18.73
CA ILE B 208 -10.97 7.97 18.81
C ILE B 208 -10.03 7.12 17.97
N GLU B 209 -9.71 7.58 16.73
CA GLU B 209 -8.79 6.87 15.86
C GLU B 209 -7.44 6.58 16.51
N LEU B 210 -6.86 7.57 17.19
CA LEU B 210 -5.57 7.43 17.84
C LEU B 210 -5.64 6.44 19.01
N ALA B 211 -6.80 6.41 19.64
CA ALA B 211 -7.10 5.53 20.78
C ALA B 211 -7.39 4.08 20.35
N GLU B 212 -8.02 3.89 19.17
CA GLU B 212 -8.58 2.60 18.77
C GLU B 212 -8.04 2.02 17.45
N LEU B 213 -7.12 2.76 16.78
CA LEU B 213 -6.46 2.38 15.52
C LEU B 213 -7.32 2.49 14.29
N GLN B 214 -8.56 2.95 14.45
CA GLN B 214 -9.44 3.17 13.31
C GLN B 214 -10.57 4.07 13.78
N PRO B 215 -11.20 4.81 12.88
CA PRO B 215 -12.34 5.64 13.31
C PRO B 215 -13.60 4.76 13.50
N PRO B 216 -14.63 5.29 14.19
CA PRO B 216 -15.89 4.53 14.32
C PRO B 216 -16.45 4.21 12.94
N LEU B 217 -17.11 3.05 12.83
CA LEU B 217 -17.75 2.60 11.58
C LEU B 217 -16.76 2.32 10.43
N PHE B 218 -15.45 2.21 10.70
CA PHE B 218 -14.50 2.00 9.60
C PHE B 218 -14.79 0.78 8.70
N ASP B 219 -15.38 -0.28 9.26
CA ASP B 219 -15.71 -1.51 8.49
C ASP B 219 -16.96 -1.37 7.61
N VAL B 220 -17.71 -0.29 7.82
CA VAL B 220 -18.93 0.00 7.08
C VAL B 220 -18.60 0.68 5.75
N HIS B 221 -19.31 0.31 4.66
CA HIS B 221 -19.15 0.93 3.34
C HIS B 221 -19.29 2.45 3.48
N PRO B 222 -18.34 3.24 2.90
CA PRO B 222 -18.39 4.71 3.08
C PRO B 222 -19.71 5.37 2.66
N LEU B 223 -20.36 4.88 1.59
CA LEU B 223 -21.65 5.45 1.16
C LEU B 223 -22.73 5.21 2.24
N ARG B 224 -22.71 4.01 2.85
CA ARG B 224 -23.63 3.68 3.94
C ARG B 224 -23.37 4.58 5.16
N VAL B 225 -22.10 4.90 5.44
CA VAL B 225 -21.76 5.80 6.55
C VAL B 225 -22.40 7.19 6.31
N LEU B 226 -22.32 7.74 5.07
CA LEU B 226 -22.94 9.03 4.71
C LEU B 226 -24.42 9.00 5.01
N PHE B 227 -25.12 7.91 4.60
CA PHE B 227 -26.56 7.75 4.85
C PHE B 227 -26.89 7.69 6.31
N LEU B 228 -26.14 6.89 7.09
CA LEU B 228 -26.36 6.74 8.53
C LEU B 228 -26.25 8.09 9.27
N MET B 229 -25.27 8.93 8.88
CA MET B 229 -25.08 10.23 9.54
C MET B 229 -26.17 11.25 9.25
N THR B 230 -26.83 11.10 8.09
CA THR B 230 -27.88 12.03 7.65
C THR B 230 -29.23 11.72 8.30
N LYS B 231 -29.37 10.51 8.88
CA LYS B 231 -30.60 10.08 9.56
C LYS B 231 -30.85 10.85 10.84
N SER B 232 -32.13 11.20 11.08
CA SER B 232 -32.54 11.84 12.33
C SER B 232 -32.46 10.71 13.36
N GLY B 233 -31.67 10.93 14.39
CA GLY B 233 -31.46 9.92 15.41
C GLY B 233 -30.05 9.38 15.43
N TYR B 234 -29.17 9.79 14.45
CA TYR B 234 -27.77 9.35 14.44
C TYR B 234 -27.15 9.76 15.77
N GLN B 235 -26.69 8.77 16.53
CA GLN B 235 -26.05 9.03 17.80
C GLN B 235 -24.55 9.27 17.56
N PRO B 236 -23.97 10.34 18.11
CA PRO B 236 -22.51 10.52 17.96
C PRO B 236 -21.76 9.34 18.55
N PRO B 237 -20.65 8.92 17.91
CA PRO B 237 -19.90 7.77 18.44
C PRO B 237 -19.21 8.06 19.77
N ARG B 238 -18.74 7.00 20.42
CA ARG B 238 -18.06 7.05 21.73
C ARG B 238 -16.85 6.15 21.70
N LEU B 239 -15.98 6.27 22.74
CA LEU B 239 -14.85 5.38 22.93
C LEU B 239 -15.42 3.99 23.34
N LYS B 240 -14.79 2.91 22.86
CA LYS B 240 -15.22 1.52 23.09
C LYS B 240 -14.98 1.03 24.52
N GLU B 241 -13.74 1.20 25.00
CA GLU B 241 -13.27 0.73 26.32
C GLU B 241 -13.39 1.85 27.35
N LYS B 242 -14.55 1.95 28.00
CA LYS B 242 -14.90 2.97 29.00
C LYS B 242 -13.88 3.15 30.15
N GLY B 243 -13.50 2.06 30.81
CA GLY B 243 -12.58 2.04 31.94
C GLY B 243 -11.14 2.46 31.71
N LYS B 244 -10.65 2.30 30.46
CA LYS B 244 -9.27 2.64 30.09
C LYS B 244 -9.01 4.15 29.99
N TRP B 245 -10.06 4.96 29.83
CA TRP B 245 -9.95 6.40 29.61
C TRP B 245 -10.53 7.21 30.75
N SER B 246 -9.94 8.38 31.02
CA SER B 246 -10.41 9.26 32.08
C SER B 246 -11.74 9.87 31.73
N ALA B 247 -12.47 10.35 32.74
CA ALA B 247 -13.72 11.07 32.54
C ALA B 247 -13.46 12.32 31.66
N ALA B 248 -12.27 12.98 31.83
CA ALA B 248 -11.88 14.14 31.02
C ALA B 248 -11.87 13.80 29.52
N PHE B 249 -11.29 12.64 29.16
CA PHE B 249 -11.16 12.20 27.76
C PHE B 249 -12.55 11.87 27.19
N HIS B 250 -13.38 11.16 27.96
CA HIS B 250 -14.75 10.86 27.49
C HIS B 250 -15.53 12.16 27.26
N ASN B 251 -15.35 13.16 28.14
CA ASN B 251 -16.03 14.45 28.00
C ASN B 251 -15.54 15.20 26.74
N PHE B 252 -14.21 15.17 26.49
CA PHE B 252 -13.61 15.82 25.32
C PHE B 252 -14.28 15.25 24.06
N ILE B 253 -14.40 13.92 24.00
CA ILE B 253 -15.09 13.24 22.88
C ILE B 253 -16.55 13.67 22.78
N LYS B 254 -17.29 13.61 23.91
CA LYS B 254 -18.70 14.04 23.94
C LYS B 254 -18.91 15.46 23.36
N VAL B 255 -18.10 16.43 23.78
CA VAL B 255 -18.29 17.82 23.36
C VAL B 255 -17.80 18.10 21.93
N THR B 256 -16.66 17.50 21.50
CA THR B 256 -16.22 17.71 20.10
C THR B 256 -17.20 17.05 19.14
N LEU B 257 -17.81 15.92 19.57
CA LEU B 257 -18.80 15.22 18.73
C LEU B 257 -20.23 15.66 19.05
N THR B 258 -20.41 16.97 19.37
CA THR B 258 -21.77 17.53 19.54
C THR B 258 -22.40 17.48 18.15
N LYS B 259 -23.56 16.82 18.04
CA LYS B 259 -24.26 16.68 16.77
C LYS B 259 -24.66 18.02 16.11
N SER B 260 -25.30 18.92 16.84
CA SER B 260 -25.71 20.20 16.27
C SER B 260 -24.49 21.14 16.09
N PRO B 261 -24.21 21.67 14.88
CA PRO B 261 -23.08 22.61 14.74
C PRO B 261 -23.35 23.93 15.48
N LYS B 262 -24.62 24.24 15.79
CA LYS B 262 -24.94 25.47 16.53
C LYS B 262 -24.52 25.36 18.01
N LYS B 263 -24.30 24.13 18.52
CA LYS B 263 -23.90 23.90 19.92
C LYS B 263 -22.44 23.40 20.03
N ARG B 264 -21.85 22.94 18.90
CA ARG B 264 -20.47 22.43 18.93
C ARG B 264 -19.47 23.55 19.28
N PRO B 265 -18.63 23.36 20.30
CA PRO B 265 -17.68 24.44 20.65
C PRO B 265 -16.59 24.69 19.59
N SER B 266 -16.12 25.95 19.51
CA SER B 266 -15.04 26.40 18.61
C SER B 266 -13.69 25.82 19.02
N ALA B 267 -12.66 25.99 18.15
CA ALA B 267 -11.32 25.51 18.49
C ALA B 267 -10.80 26.27 19.73
N THR B 268 -10.99 27.59 19.74
CA THR B 268 -10.54 28.40 20.90
C THR B 268 -11.23 27.94 22.19
N LYS B 269 -12.55 27.68 22.15
CA LYS B 269 -13.31 27.17 23.30
C LYS B 269 -12.69 25.84 23.78
N MET B 270 -12.45 24.88 22.83
CA MET B 270 -11.87 23.59 23.14
C MET B 270 -10.47 23.70 23.78
N LEU B 271 -9.72 24.78 23.46
CA LEU B 271 -8.39 24.95 24.05
C LEU B 271 -8.42 25.18 25.57
N SER B 272 -9.60 25.54 26.11
CA SER B 272 -9.73 25.73 27.55
C SER B 272 -10.24 24.45 28.27
N HIS B 273 -10.50 23.36 27.51
CA HIS B 273 -10.97 22.08 28.05
C HIS B 273 -9.84 21.50 28.86
N GLN B 274 -10.14 21.00 30.06
CA GLN B 274 -9.14 20.45 30.95
C GLN B 274 -8.24 19.36 30.33
N LEU B 275 -8.74 18.54 29.38
CA LEU B 275 -7.91 17.49 28.80
C LEU B 275 -6.68 18.10 28.06
N VAL B 276 -6.88 19.23 27.36
CA VAL B 276 -5.80 19.83 26.57
C VAL B 276 -5.11 21.00 27.29
N SER B 277 -5.60 21.39 28.48
CA SER B 277 -4.98 22.50 29.19
C SER B 277 -4.16 22.01 30.40
N GLN B 278 -4.06 20.70 30.57
CA GLN B 278 -3.32 20.08 31.66
C GLN B 278 -1.80 20.29 31.50
N PRO B 279 -1.03 20.39 32.60
CA PRO B 279 0.43 20.56 32.44
C PRO B 279 1.06 19.20 32.05
N GLY B 280 2.31 19.19 31.63
CA GLY B 280 2.98 17.96 31.26
C GLY B 280 2.66 17.52 29.84
N LEU B 281 1.94 18.39 29.09
CA LEU B 281 1.66 18.08 27.68
C LEU B 281 2.73 18.79 26.87
N ASN B 282 3.66 18.01 26.35
CA ASN B 282 4.75 18.52 25.55
C ASN B 282 5.23 17.46 24.59
N ARG B 283 6.14 17.85 23.66
CA ARG B 283 6.66 16.96 22.62
C ARG B 283 7.41 15.74 23.14
N GLY B 284 7.84 15.77 24.41
CA GLY B 284 8.52 14.61 24.99
C GLY B 284 7.62 13.39 25.00
N LEU B 285 6.27 13.62 25.07
CA LEU B 285 5.28 12.53 25.03
C LEU B 285 5.34 11.79 23.70
N ILE B 286 5.55 12.56 22.59
CA ILE B 286 5.63 11.98 21.26
C ILE B 286 7.02 11.44 21.00
N LEU B 287 8.08 12.07 21.60
CA LEU B 287 9.42 11.47 21.53
C LEU B 287 9.38 10.03 22.13
N ASP B 288 8.60 9.80 23.23
CA ASP B 288 8.40 8.46 23.81
C ASP B 288 7.77 7.50 22.78
N LEU B 289 6.77 8.00 22.03
CA LEU B 289 6.07 7.24 20.99
C LEU B 289 7.03 6.87 19.86
N LEU B 290 7.90 7.83 19.46
CA LEU B 290 8.90 7.59 18.42
C LEU B 290 9.98 6.58 18.88
N ASP B 291 10.26 6.51 20.20
CA ASP B 291 11.21 5.51 20.70
C ASP B 291 10.61 4.09 20.58
N LYS B 292 9.27 3.98 20.75
CA LYS B 292 8.52 2.74 20.59
C LYS B 292 8.53 2.25 19.14
N LEU B 293 8.48 3.20 18.20
CA LEU B 293 8.51 3.01 16.75
C LEU B 293 9.87 2.41 16.36
N LYS B 294 10.96 2.94 16.97
CA LYS B 294 12.35 2.53 16.74
C LYS B 294 12.68 1.21 17.45
N ASN B 295 12.11 0.99 18.65
CA ASN B 295 12.31 -0.18 19.52
C ASN B 295 10.96 -0.84 19.83
C5 A1A1C C . 4.39 -22.09 -17.99
C4 A1A1C C . 5.56 -21.94 -17.27
C1 A1A1C C . 3.95 -21.07 -18.82
C13 A1A1C C . 2.54 -16.57 -21.94
C7 A1A1C C . 9.32 -19.76 -15.77
C10 A1A1C C . 3.34 -17.22 -20.99
C11 A1A1C C . 4.38 -16.56 -20.37
C3 A1A1C C . 6.28 -20.76 -17.42
C15 A1A1C C . 4.51 -15.20 -20.65
C2 A1A1C C . 4.76 -19.92 -18.93
C14 A1A1C C . 2.76 -15.21 -22.17
C6 A1A1C C . 7.54 -20.59 -16.67
C9 A1A1C C . 3.35 -18.64 -20.58
C12 A1A1C C . 5.09 -17.50 -19.42
C21 A1A1C C . 7.07 -17.26 -14.91
C16 A1A1C C . 0.91 -15.13 -23.80
C17 A1A1C C . 2.23 -13.09 -23.25
C19 A1A1C C . 6.85 -12.26 -19.89
C18 A1A1C C . 5.53 -14.37 -19.91
C20 A1A1C C . 6.89 -17.33 -16.41
C8 A1A1C C . 8.06 -18.05 -17.09
N4 A1A1C C . 9.27 -21.01 -15.42
N1 A1A1C C . 5.89 -19.78 -18.25
N6 A1A1C C . 3.71 -14.53 -21.52
N5 A1A1C C . 8.12 -21.55 -16.00
N3 A1A1C C . 8.28 -19.40 -16.57
N2 A1A1C C . 4.41 -18.77 -19.68
N7 A1A1C C . 1.99 -14.50 -23.05
N8 A1A1C C . 5.73 -13.01 -20.49
O1 A1A1C C . 2.62 -19.54 -20.95
H3 A1A1C C . 3.79 -23.00 -17.88
H2 A1A1C C . 5.88 -22.73 -16.60
H1 A1A1C C . 3.01 -21.19 -19.37
H9 A1A1C C . 1.79 -17.19 -22.43
H4 A1A1C C . 10.12 -19.07 -15.49
H7 A1A1C C . 6.15 -17.53 -19.63
H8 A1A1C C . 4.96 -17.16 -18.39
H26 A1A1C C . 6.33 -16.62 -14.43
H24 A1A1C C . 8.05 -16.88 -14.63
H25 A1A1C C . 6.97 -18.25 -14.44
H11 A1A1C C . 0.19 -15.62 -23.13
H12 A1A1C C . 1.29 -15.92 -24.46
H10 A1A1C C . 0.34 -14.44 -24.40
H15 A1A1C C . 2.14 -12.50 -22.34
H13 A1A1C C . 1.55 -12.64 -23.98
H14 A1A1C C . 3.24 -12.89 -23.64
H20 A1A1C C . 6.77 -11.19 -20.07
H19 A1A1C C . 7.81 -12.58 -20.31
H21 A1A1C C . 6.92 -12.41 -18.82
H17 A1A1C C . 6.48 -14.90 -19.85
H16 A1A1C C . 5.20 -14.27 -18.88
H22 A1A1C C . 5.95 -17.84 -16.61
H23 A1A1C C . 6.77 -16.33 -16.81
H6 A1A1C C . 7.92 -18.11 -18.17
H5 A1A1C C . 8.98 -17.48 -16.95
H27 A1A1C C . 4.88 -12.46 -20.41
C5 A1A1C D . 4.45 18.29 4.09
C4 A1A1C D . 3.27 18.22 3.36
C1 A1A1C D . 5.07 17.12 4.49
C13 A1A1C D . 7.17 12.07 5.95
C7 A1A1C D . -0.25 16.18 1.19
C10 A1A1C D . 6.17 12.90 5.45
C11 A1A1C D . 4.99 12.35 4.98
C3 A1A1C D . 2.73 16.96 3.08
C15 A1A1C D . 4.83 10.96 5.09
C2 A1A1C D . 4.45 15.90 4.18
C14 A1A1C D . 6.95 10.68 5.99
C6 A1A1C D . 1.50 16.88 2.27
C9 A1A1C D . 6.16 14.37 5.21
C12 A1A1C D . 4.12 13.44 4.41
C21 A1A1C D . -0.17 14.78 4.48
C16 A1A1C D . 9.18 10.32 6.92
C17 A1A1C D . 7.62 8.39 6.56
C19 A1A1C D . 2.30 8.23 4.16
C18 A1A1C D . 3.53 10.33 4.67
C20 A1A1C D . 0.04 13.80 3.39
C8 A1A1C D . 0.96 14.29 2.26
N4 A1A1C D . -0.20 17.48 1.06
N1 A1A1C D . 3.31 15.82 3.47
N6 A1A1C D . 5.79 10.14 5.58
N5 A1A1C D . 0.93 17.93 1.71
N3 A1A1C D . 0.77 15.71 1.95
N2 A1A1C D . 4.96 14.63 4.56
N7 A1A1C D . 7.89 9.83 6.48
N8 A1A1C D . 3.59 8.83 4.61
O1 A1A1C D . 7.03 15.18 5.45
H3 A1A1C D . 4.87 19.26 4.33
H2 A1A1C D . 2.78 19.13 3.04
H1 A1A1C D . 5.97 17.20 5.10
H9 A1A1C D . 8.11 12.56 6.20
H4 A1A1C D . -1.02 15.55 0.75
H7 A1A1C D . 3.89 13.22 3.36
H8 A1A1C D . 3.17 13.52 4.94
H26 A1A1C D . -0.72 14.35 5.32
H24 A1A1C D . -0.73 15.65 4.14
H25 A1A1C D . 0.77 15.16 4.88
H11 A1A1C D . 9.08 11.06 7.70
H12 A1A1C D . 9.74 10.80 6.11
H10 A1A1C D . 9.82 9.54 7.34
H15 A1A1C D . 6.75 8.18 7.16
H13 A1A1C D . 8.46 7.83 7.00
H14 A1A1C D . 7.45 7.96 5.59
H20 A1A1C D . 2.24 7.17 4.39
H19 A1A1C D . 2.16 8.35 3.09
H21 A1A1C D . 1.43 8.70 4.65
H17 A1A1C D . 3.22 10.74 3.72
H16 A1A1C D . 2.77 10.63 5.37
H22 A1A1C D . 0.45 12.88 3.82
H23 A1A1C D . -0.92 13.50 2.99
H6 A1A1C D . 2.01 14.05 2.44
H5 A1A1C D . 0.71 13.76 1.35
H27 A1A1C D . 3.82 8.46 5.52
#